data_1OBN
#
_entry.id   1OBN
#
_cell.length_a   46.750
_cell.length_b   71.350
_cell.length_c   101.200
_cell.angle_alpha   90.00
_cell.angle_beta   90.00
_cell.angle_gamma   90.00
#
_symmetry.space_group_name_H-M   'P 21 21 21'
#
loop_
_entity.id
_entity.type
_entity.pdbx_description
1 polymer 'ISOPENICILLIN N SYNTHETASE'
2 non-polymer DELTA-(L-ALPHA-AMINOADIPOYL)-L-CYSTEINYL-D-VINYLGLYCINE
3 non-polymer 'FE (II) ION'
4 non-polymer HYDROXYAMINE
5 non-polymer 'SULFATE ION'
6 water water
#
_entity_poly.entity_id   1
_entity_poly.type   'polypeptide(L)'
_entity_poly.pdbx_seq_one_letter_code
;MGSVSKANVPKIDVSPLFGDDQAAKMRVAQQIDAASRDTGFFYAVNHGINVQRLSQKTKEFHMSITPEEKWDLAIRAYNK
EHQDQVRAGYYLSIPGKKAVESFCYLNPNFTPDHPRIQAKTPTHEVNVWPDETKHPGFQDFAEQYYWDVFGLSSALLKGY
ALALGKEENFFARHFKPDDTLASVVLIRYPYLDPYPEAAIKTAADGTKLSFEWHEDVSLITVLYQSNVQNLQVETAAGYQ
DIEADDTGYLINCGSYMAHLTNNYYKAPIHRVKWVNAERQSLPFFVNLGYDSVIDPFDPREPNGKSDREPLSYGDYLQNG
LVSLINKNGQT
;
_entity_poly.pdbx_strand_id   A
#
# COMPACT_ATOMS: atom_id res chain seq x y z
N SER A 3 1.20 -26.65 -9.08
CA SER A 3 2.65 -26.95 -8.98
C SER A 3 3.41 -25.78 -8.40
N VAL A 4 2.70 -24.72 -7.98
CA VAL A 4 3.34 -23.63 -7.28
C VAL A 4 3.26 -23.83 -5.76
N SER A 5 4.39 -23.68 -5.08
CA SER A 5 4.41 -23.87 -3.64
C SER A 5 3.90 -22.63 -2.91
N LYS A 6 3.41 -22.81 -1.71
CA LYS A 6 2.85 -21.76 -0.84
C LYS A 6 3.98 -21.05 -0.13
N ALA A 7 3.90 -19.75 -0.16
CA ALA A 7 4.89 -18.93 0.50
C ALA A 7 4.65 -18.99 2.01
N ASN A 8 5.74 -18.90 2.76
CA ASN A 8 5.64 -18.76 4.19
C ASN A 8 5.25 -17.36 4.54
N VAL A 9 4.04 -17.22 5.06
CA VAL A 9 3.52 -15.92 5.43
C VAL A 9 2.86 -16.07 6.82
N PRO A 10 3.65 -15.88 7.86
CA PRO A 10 3.14 -16.15 9.21
C PRO A 10 2.06 -15.15 9.60
N LYS A 11 1.20 -15.55 10.51
CA LYS A 11 0.17 -14.72 11.10
C LYS A 11 0.70 -14.22 12.42
N ILE A 12 0.92 -12.93 12.55
CA ILE A 12 1.49 -12.33 13.78
C ILE A 12 0.43 -11.50 14.48
N ASP A 13 0.18 -11.84 15.74
CA ASP A 13 -0.76 -11.09 16.60
C ASP A 13 0.00 -9.83 17.00
N VAL A 14 -0.44 -8.71 16.42
CA VAL A 14 0.21 -7.44 16.61
C VAL A 14 -0.38 -6.65 17.75
N SER A 15 -1.36 -7.19 18.45
CA SER A 15 -2.03 -6.41 19.51
C SER A 15 -1.06 -5.89 20.58
N PRO A 16 0.05 -6.55 20.94
CA PRO A 16 0.94 -5.93 21.93
C PRO A 16 1.46 -4.57 21.52
N LEU A 17 1.62 -4.34 20.22
CA LEU A 17 2.13 -3.11 19.71
C LEU A 17 1.28 -1.91 20.02
N PHE A 18 0.02 -2.12 20.43
CA PHE A 18 -0.84 -1.02 20.85
C PHE A 18 -0.70 -0.69 22.33
N GLY A 19 -0.02 -1.53 23.09
CA GLY A 19 0.01 -1.42 24.56
C GLY A 19 1.36 -1.04 25.16
N ASP A 20 1.54 -1.36 26.45
CA ASP A 20 2.71 -0.97 27.23
C ASP A 20 3.57 -2.13 27.79
N ASP A 21 3.35 -3.34 27.32
CA ASP A 21 4.15 -4.47 27.75
C ASP A 21 5.37 -4.56 26.83
N GLN A 22 6.48 -4.01 27.28
CA GLN A 22 7.69 -3.90 26.43
C GLN A 22 8.28 -5.23 26.03
N ALA A 23 8.25 -6.21 26.91
CA ALA A 23 8.73 -7.54 26.61
C ALA A 23 7.90 -8.21 25.53
N ALA A 24 6.59 -8.03 25.65
CA ALA A 24 5.70 -8.61 24.69
C ALA A 24 5.94 -7.98 23.34
N LYS A 25 6.12 -6.66 23.30
CA LYS A 25 6.42 -5.95 22.03
C LYS A 25 7.70 -6.53 21.44
N MET A 26 8.74 -6.81 22.25
CA MET A 26 9.91 -7.41 21.69
C MET A 26 9.67 -8.75 21.05
N ARG A 27 8.83 -9.56 21.66
CA ARG A 27 8.53 -10.86 21.04
C ARG A 27 7.76 -10.69 19.73
N VAL A 28 6.91 -9.66 19.57
CA VAL A 28 6.31 -9.39 18.26
C VAL A 28 7.38 -8.90 17.28
N ALA A 29 8.26 -8.03 17.74
CA ALA A 29 9.34 -7.50 16.88
C ALA A 29 10.18 -8.64 16.32
N GLN A 30 10.44 -9.66 17.13
CA GLN A 30 11.23 -10.77 16.65
C GLN A 30 10.53 -11.45 15.50
N GLN A 31 9.22 -11.60 15.61
CA GLN A 31 8.42 -12.26 14.57
C GLN A 31 8.47 -11.44 13.32
N ILE A 32 8.32 -10.13 13.45
CA ILE A 32 8.48 -9.22 12.31
C ILE A 32 9.84 -9.35 11.66
N ASP A 33 10.90 -9.35 12.46
CA ASP A 33 12.27 -9.55 11.95
C ASP A 33 12.35 -10.85 11.16
N ALA A 34 11.86 -11.96 11.72
CA ALA A 34 11.94 -13.23 11.05
C ALA A 34 11.24 -13.23 9.66
N ALA A 35 10.04 -12.70 9.65
CA ALA A 35 9.26 -12.63 8.45
C ALA A 35 9.95 -11.75 7.39
N SER A 36 10.51 -10.63 7.86
CA SER A 36 11.14 -9.67 6.96
C SER A 36 12.42 -10.23 6.34
N ARG A 37 13.11 -11.10 7.08
CA ARG A 37 14.30 -11.77 6.62
C ARG A 37 14.01 -12.97 5.73
N ASP A 38 12.79 -13.49 5.81
CA ASP A 38 12.41 -14.71 5.06
C ASP A 38 11.70 -14.30 3.76
N THR A 39 10.42 -14.48 3.63
CA THR A 39 9.77 -14.10 2.37
C THR A 39 9.49 -12.64 2.23
N GLY A 40 9.43 -11.97 3.36
CA GLY A 40 9.18 -10.55 3.35
C GLY A 40 7.72 -10.20 3.52
N PHE A 41 6.86 -11.15 3.76
CA PHE A 41 5.43 -10.94 4.02
C PHE A 41 4.99 -11.58 5.31
N PHE A 42 4.03 -10.93 5.96
CA PHE A 42 3.29 -11.55 7.08
C PHE A 42 1.88 -11.01 7.10
N TYR A 43 1.00 -11.71 7.79
CA TYR A 43 -0.34 -11.20 8.05
C TYR A 43 -0.35 -10.68 9.50
N ALA A 44 -0.81 -9.46 9.62
CA ALA A 44 -1.08 -8.84 10.92
C ALA A 44 -2.48 -9.26 11.29
N VAL A 45 -2.62 -9.91 12.43
CA VAL A 45 -3.90 -10.31 12.98
C VAL A 45 -4.09 -9.66 14.37
N ASN A 46 -5.32 -9.62 14.86
CA ASN A 46 -5.67 -8.92 16.10
C ASN A 46 -5.38 -7.43 15.94
N HIS A 47 -5.63 -6.89 14.76
CA HIS A 47 -5.32 -5.51 14.42
C HIS A 47 -6.37 -4.50 14.81
N GLY A 48 -7.52 -4.94 15.21
CA GLY A 48 -8.56 -4.05 15.67
C GLY A 48 -9.43 -3.36 14.65
N ILE A 49 -9.15 -3.51 13.36
CA ILE A 49 -9.93 -2.82 12.34
C ILE A 49 -11.06 -3.68 11.84
N ASN A 50 -12.23 -3.05 11.65
CA ASN A 50 -13.41 -3.74 11.11
C ASN A 50 -13.30 -3.81 9.59
N VAL A 51 -12.64 -4.87 9.13
CA VAL A 51 -12.40 -5.06 7.71
C VAL A 51 -13.67 -5.51 6.97
N GLN A 52 -14.60 -6.17 7.62
CA GLN A 52 -15.81 -6.51 6.91
C GLN A 52 -16.59 -5.28 6.53
N ARG A 53 -16.62 -4.33 7.46
CA ARG A 53 -17.34 -3.12 7.16
C ARG A 53 -16.62 -2.33 6.10
N LEU A 54 -15.28 -2.27 6.17
CA LEU A 54 -14.52 -1.63 5.10
C LEU A 54 -14.89 -2.23 3.75
N SER A 55 -14.96 -3.53 3.67
CA SER A 55 -15.22 -4.17 2.38
C SER A 55 -16.66 -3.86 1.94
N GLN A 56 -17.60 -3.81 2.87
CA GLN A 56 -18.94 -3.49 2.48
C GLN A 56 -19.14 -2.06 1.99
N LYS A 57 -18.55 -1.11 2.72
CA LYS A 57 -18.65 0.27 2.28
C LYS A 57 -17.98 0.48 0.93
N THR A 58 -16.85 -0.15 0.74
CA THR A 58 -16.13 -0.07 -0.51
C THR A 58 -16.94 -0.66 -1.68
N LYS A 59 -17.54 -1.82 -1.46
CA LYS A 59 -18.41 -2.44 -2.47
C LYS A 59 -19.54 -1.50 -2.83
N GLU A 60 -20.19 -0.87 -1.85
CA GLU A 60 -21.32 0.01 -2.13
C GLU A 60 -20.85 1.13 -3.04
N PHE A 61 -19.68 1.68 -2.78
CA PHE A 61 -19.12 2.70 -3.64
C PHE A 61 -18.81 2.20 -5.04
N HIS A 62 -18.05 1.13 -5.16
CA HIS A 62 -17.66 0.66 -6.47
C HIS A 62 -18.83 0.30 -7.33
N MET A 63 -19.88 -0.22 -6.73
CA MET A 63 -20.95 -0.76 -7.55
C MET A 63 -21.99 0.29 -7.86
N SER A 64 -21.93 1.45 -7.26
CA SER A 64 -22.88 2.51 -7.54
C SER A 64 -22.32 3.69 -8.30
N ILE A 65 -21.03 3.90 -8.28
CA ILE A 65 -20.47 5.01 -9.02
C ILE A 65 -20.75 4.85 -10.51
N THR A 66 -21.08 5.94 -11.18
CA THR A 66 -21.46 5.91 -12.59
C THR A 66 -20.39 6.43 -13.50
N PRO A 67 -20.50 6.14 -14.79
CA PRO A 67 -19.49 6.63 -15.72
C PRO A 67 -19.33 8.14 -15.67
N GLU A 68 -20.42 8.88 -15.53
CA GLU A 68 -20.37 10.33 -15.37
C GLU A 68 -19.51 10.78 -14.21
N GLU A 69 -19.73 10.16 -13.06
CA GLU A 69 -18.97 10.46 -11.83
C GLU A 69 -17.50 10.09 -12.02
N LYS A 70 -17.20 9.03 -12.71
CA LYS A 70 -15.80 8.64 -12.87
C LYS A 70 -15.07 9.70 -13.70
N TRP A 71 -15.68 10.24 -14.77
CA TRP A 71 -14.97 11.31 -15.51
C TRP A 71 -14.82 12.52 -14.59
N ASP A 72 -15.86 12.86 -13.83
CA ASP A 72 -15.82 14.03 -12.97
C ASP A 72 -14.77 13.93 -11.86
N LEU A 73 -14.36 12.71 -11.50
CA LEU A 73 -13.37 12.47 -10.47
C LEU A 73 -12.02 12.04 -11.02
N ALA A 74 -11.87 11.94 -12.32
CA ALA A 74 -10.72 11.28 -12.90
C ALA A 74 -9.42 11.97 -12.67
N ILE A 75 -8.35 11.21 -12.45
CA ILE A 75 -7.02 11.78 -12.48
C ILE A 75 -6.65 12.29 -13.88
N ARG A 76 -5.60 13.06 -13.90
CA ARG A 76 -5.12 13.68 -15.15
C ARG A 76 -4.83 12.73 -16.31
N ALA A 77 -4.40 11.52 -15.98
CA ALA A 77 -4.09 10.54 -17.02
C ALA A 77 -5.33 10.19 -17.85
N TYR A 78 -6.52 10.36 -17.30
CA TYR A 78 -7.78 10.07 -18.00
C TYR A 78 -8.53 11.31 -18.33
N ASN A 79 -8.27 12.47 -17.74
CA ASN A 79 -9.07 13.70 -17.93
C ASN A 79 -8.13 14.89 -17.88
N LYS A 80 -7.84 15.41 -19.05
CA LYS A 80 -6.83 16.49 -19.06
C LYS A 80 -7.30 17.78 -18.42
N GLU A 81 -8.57 17.89 -18.10
CA GLU A 81 -9.04 19.08 -17.39
C GLU A 81 -8.54 19.10 -15.95
N HIS A 82 -8.09 17.97 -15.42
CA HIS A 82 -7.74 17.82 -13.99
C HIS A 82 -6.25 17.77 -13.77
N GLN A 83 -5.56 18.80 -14.17
CA GLN A 83 -4.10 18.83 -14.15
C GLN A 83 -3.52 18.74 -12.73
N ASP A 84 -4.28 19.10 -11.69
CA ASP A 84 -3.76 18.94 -10.31
C ASP A 84 -3.87 17.54 -9.76
N GLN A 85 -4.61 16.68 -10.42
CA GLN A 85 -4.86 15.34 -9.92
C GLN A 85 -3.90 14.36 -10.54
N VAL A 86 -2.76 14.18 -9.96
CA VAL A 86 -1.83 13.20 -10.37
C VAL A 86 -2.05 11.93 -9.63
N ARG A 87 -2.29 12.00 -8.32
CA ARG A 87 -2.43 10.85 -7.46
C ARG A 87 -3.88 10.59 -7.04
N ALA A 88 -4.59 11.63 -6.61
CA ALA A 88 -5.88 11.44 -5.98
C ALA A 88 -7.02 11.51 -7.02
N GLY A 89 -7.94 10.59 -6.97
CA GLY A 89 -9.14 10.55 -7.80
C GLY A 89 -9.33 9.20 -8.41
N TYR A 90 -10.12 9.16 -9.48
CA TYR A 90 -10.58 7.95 -10.07
C TYR A 90 -9.64 7.53 -11.22
N TYR A 91 -9.37 6.25 -11.26
CA TYR A 91 -8.48 5.59 -12.22
C TYR A 91 -9.44 4.71 -13.05
N LEU A 92 -9.78 5.09 -14.27
CA LEU A 92 -10.84 4.41 -14.98
C LEU A 92 -10.38 3.09 -15.66
N SER A 93 -11.32 2.15 -15.78
CA SER A 93 -11.12 1.00 -16.62
C SER A 93 -11.30 1.43 -18.05
N ILE A 94 -10.94 0.51 -18.91
CA ILE A 94 -11.10 0.71 -20.36
C ILE A 94 -11.68 -0.59 -20.90
N PRO A 95 -13.00 -0.75 -20.98
CA PRO A 95 -13.62 -2.03 -21.36
C PRO A 95 -13.00 -2.59 -22.64
N GLY A 96 -12.65 -3.85 -22.67
CA GLY A 96 -12.01 -4.44 -23.81
C GLY A 96 -10.49 -4.39 -23.70
N LYS A 97 -9.94 -3.57 -22.84
CA LYS A 97 -8.48 -3.33 -22.74
C LYS A 97 -7.87 -3.37 -21.34
N LYS A 98 -8.53 -2.77 -20.37
CA LYS A 98 -8.01 -2.60 -19.04
C LYS A 98 -9.15 -2.90 -18.08
N ALA A 99 -9.02 -3.90 -17.26
CA ALA A 99 -10.10 -4.32 -16.41
C ALA A 99 -10.14 -3.56 -15.08
N VAL A 100 -8.99 -3.34 -14.49
CA VAL A 100 -8.95 -2.78 -13.16
C VAL A 100 -9.35 -1.33 -13.16
N GLU A 101 -9.93 -0.89 -12.09
CA GLU A 101 -10.24 0.52 -11.85
C GLU A 101 -10.14 0.79 -10.36
N SER A 102 -9.96 2.06 -9.97
CA SER A 102 -9.69 2.36 -8.57
C SER A 102 -9.94 3.81 -8.23
N PHE A 103 -10.00 4.08 -6.95
CA PHE A 103 -10.13 5.39 -6.36
C PHE A 103 -9.09 5.59 -5.32
N CYS A 104 -8.25 6.60 -5.46
CA CYS A 104 -7.17 6.91 -4.54
C CYS A 104 -7.43 8.16 -3.77
N TYR A 105 -7.17 8.17 -2.47
CA TYR A 105 -7.21 9.38 -1.68
C TYR A 105 -5.97 9.42 -0.75
N LEU A 106 -5.64 10.66 -0.38
CA LEU A 106 -4.52 11.05 0.43
C LEU A 106 -4.95 11.50 1.81
N ASN A 107 -3.98 12.01 2.54
CA ASN A 107 -4.24 12.61 3.88
C ASN A 107 -5.38 13.57 3.85
N PRO A 108 -6.41 13.32 4.66
CA PRO A 108 -7.55 14.25 4.74
C PRO A 108 -7.15 15.64 5.26
N ASN A 109 -6.00 15.78 5.88
CA ASN A 109 -5.47 17.03 6.36
C ASN A 109 -4.89 17.91 5.23
N PHE A 110 -4.74 17.36 4.03
CA PHE A 110 -4.27 18.18 2.88
C PHE A 110 -5.50 18.95 2.41
N THR A 111 -5.77 20.04 3.07
CA THR A 111 -6.88 20.91 2.76
C THR A 111 -6.31 22.08 1.91
N PRO A 112 -7.19 22.92 1.38
CA PRO A 112 -6.71 24.05 0.59
C PRO A 112 -5.78 24.97 1.33
N ASP A 113 -5.94 25.10 2.65
CA ASP A 113 -5.08 25.97 3.48
C ASP A 113 -3.83 25.27 4.03
N HIS A 114 -3.62 24.00 3.75
CA HIS A 114 -2.38 23.30 4.24
C HIS A 114 -1.15 23.94 3.58
N PRO A 115 -0.10 24.20 4.35
CA PRO A 115 1.08 24.84 3.78
C PRO A 115 1.64 24.12 2.58
N ARG A 116 1.62 22.80 2.48
CA ARG A 116 2.23 22.18 1.32
C ARG A 116 1.33 22.26 0.14
N ILE A 117 0.02 22.40 0.31
CA ILE A 117 -0.89 22.65 -0.80
C ILE A 117 -0.74 24.09 -1.29
N GLN A 118 -0.56 25.03 -0.34
CA GLN A 118 -0.36 26.41 -0.74
C GLN A 118 0.98 26.52 -1.52
N ALA A 119 2.03 25.83 -1.10
CA ALA A 119 3.31 25.87 -1.82
C ALA A 119 3.33 25.05 -3.10
N LYS A 120 2.25 24.31 -3.38
CA LYS A 120 2.18 23.44 -4.56
C LYS A 120 3.33 22.43 -4.58
N THR A 121 3.67 21.90 -3.40
CA THR A 121 4.71 20.89 -3.28
C THR A 121 4.29 19.64 -4.04
N PRO A 122 5.12 19.05 -4.90
CA PRO A 122 4.72 17.81 -5.52
C PRO A 122 4.34 16.74 -4.52
N THR A 123 3.44 15.87 -4.96
CA THR A 123 2.88 14.71 -4.26
C THR A 123 1.81 15.02 -3.26
N HIS A 124 1.56 16.31 -3.00
CA HIS A 124 0.50 16.75 -2.12
C HIS A 124 -0.68 17.21 -2.97
N GLU A 125 -1.87 16.70 -2.67
CA GLU A 125 -3.08 17.15 -3.34
C GLU A 125 -4.20 17.19 -2.35
N VAL A 126 -5.24 17.96 -2.72
CA VAL A 126 -6.50 17.96 -1.99
C VAL A 126 -7.41 16.86 -2.58
N ASN A 127 -7.87 15.95 -1.75
CA ASN A 127 -8.76 14.90 -2.19
C ASN A 127 -9.99 15.36 -2.89
N VAL A 128 -10.44 14.57 -3.86
CA VAL A 128 -11.72 14.78 -4.59
C VAL A 128 -12.65 13.70 -4.15
N TRP A 129 -13.91 14.01 -4.02
CA TRP A 129 -14.99 13.13 -3.51
C TRP A 129 -16.23 13.17 -4.35
N PRO A 130 -16.94 12.05 -4.47
CA PRO A 130 -18.24 12.08 -5.17
C PRO A 130 -19.26 12.92 -4.45
N ASP A 131 -20.37 13.19 -5.07
CA ASP A 131 -21.44 13.95 -4.43
C ASP A 131 -21.99 13.20 -3.22
N GLU A 132 -22.08 13.91 -2.09
CA GLU A 132 -22.61 13.28 -0.88
C GLU A 132 -23.97 12.65 -1.09
N THR A 133 -24.88 13.31 -1.80
CA THR A 133 -26.23 12.75 -1.95
C THR A 133 -26.22 11.45 -2.73
N LYS A 134 -25.31 11.28 -3.67
CA LYS A 134 -25.23 10.05 -4.42
C LYS A 134 -24.52 8.93 -3.67
N HIS A 135 -23.61 9.31 -2.75
CA HIS A 135 -22.83 8.35 -1.99
C HIS A 135 -22.88 8.71 -0.51
N PRO A 136 -24.06 8.64 0.11
CA PRO A 136 -24.18 9.11 1.50
C PRO A 136 -23.25 8.36 2.41
N GLY A 137 -22.52 9.10 3.23
CA GLY A 137 -21.66 8.55 4.22
C GLY A 137 -20.29 8.14 3.73
N PHE A 138 -20.07 8.14 2.43
CA PHE A 138 -18.87 7.52 1.92
C PHE A 138 -17.60 8.30 2.30
N GLN A 139 -17.60 9.61 2.05
CA GLN A 139 -16.43 10.41 2.39
C GLN A 139 -16.12 10.27 3.86
N ASP A 140 -17.09 10.37 4.72
CA ASP A 140 -16.83 10.30 6.14
C ASP A 140 -16.29 8.93 6.51
N PHE A 141 -16.83 7.83 5.95
CA PHE A 141 -16.31 6.55 6.24
C PHE A 141 -14.88 6.47 5.78
N ALA A 142 -14.60 6.92 4.57
CA ALA A 142 -13.26 6.77 3.99
C ALA A 142 -12.23 7.57 4.76
N GLU A 143 -12.56 8.77 5.17
CA GLU A 143 -11.63 9.55 5.97
C GLU A 143 -11.38 8.87 7.35
N GLN A 144 -12.42 8.34 7.99
CA GLN A 144 -12.22 7.60 9.26
C GLN A 144 -11.37 6.36 9.05
N TYR A 145 -11.52 5.71 7.90
CA TYR A 145 -10.71 4.53 7.59
C TYR A 145 -9.26 4.94 7.51
N TYR A 146 -9.00 6.05 6.87
CA TYR A 146 -7.62 6.52 6.76
C TYR A 146 -7.02 6.58 8.17
N TRP A 147 -7.72 7.15 9.16
CA TRP A 147 -7.17 7.25 10.47
C TRP A 147 -7.09 5.91 11.21
N ASP A 148 -8.01 5.01 10.94
CA ASP A 148 -7.96 3.70 11.58
C ASP A 148 -6.69 2.95 11.07
N VAL A 149 -6.49 2.97 9.74
CA VAL A 149 -5.31 2.28 9.19
C VAL A 149 -3.98 3.03 9.51
N PHE A 150 -4.07 4.32 9.63
CA PHE A 150 -2.93 5.10 10.14
C PHE A 150 -2.53 4.59 11.50
N GLY A 151 -3.49 4.38 12.39
CA GLY A 151 -3.21 3.92 13.75
C GLY A 151 -2.54 2.53 13.75
N LEU A 152 -3.07 1.61 12.92
CA LEU A 152 -2.49 0.28 12.81
C LEU A 152 -1.08 0.43 12.33
N SER A 153 -0.88 1.27 11.31
CA SER A 153 0.43 1.39 10.71
C SER A 153 1.46 1.99 11.64
N SER A 154 1.05 2.91 12.51
CA SER A 154 1.93 3.43 13.52
C SER A 154 2.37 2.34 14.45
N ALA A 155 1.45 1.48 14.87
CA ALA A 155 1.81 0.32 15.71
C ALA A 155 2.77 -0.58 15.03
N LEU A 156 2.50 -0.89 13.80
CA LEU A 156 3.43 -1.75 13.01
C LEU A 156 4.84 -1.16 12.91
N LEU A 157 4.91 0.13 12.65
CA LEU A 157 6.18 0.82 12.57
C LEU A 157 6.94 0.72 13.91
N LYS A 158 6.24 0.72 15.07
CA LYS A 158 6.91 0.44 16.36
C LYS A 158 7.57 -0.92 16.35
N GLY A 159 6.85 -1.91 15.83
CA GLY A 159 7.39 -3.24 15.79
C GLY A 159 8.58 -3.32 14.83
N TYR A 160 8.52 -2.71 13.67
CA TYR A 160 9.70 -2.74 12.76
C TYR A 160 10.91 -2.01 13.39
N ALA A 161 10.66 -0.91 14.12
CA ALA A 161 11.77 -0.18 14.73
C ALA A 161 12.44 -1.11 15.78
N LEU A 162 11.66 -1.70 16.69
CA LEU A 162 12.24 -2.61 17.66
C LEU A 162 12.95 -3.78 17.01
N ALA A 163 12.38 -4.31 15.92
CA ALA A 163 12.96 -5.44 15.21
C ALA A 163 14.38 -5.11 14.73
N LEU A 164 14.60 -3.86 14.32
CA LEU A 164 15.89 -3.42 13.80
C LEU A 164 16.83 -2.92 14.85
N GLY A 165 16.53 -3.17 16.11
CA GLY A 165 17.41 -2.69 17.18
C GLY A 165 17.33 -1.22 17.54
N LYS A 166 16.28 -0.55 17.14
CA LYS A 166 16.06 0.86 17.41
C LYS A 166 15.04 1.06 18.53
N GLU A 167 14.87 2.29 18.97
CA GLU A 167 13.79 2.68 19.91
C GLU A 167 12.48 2.70 19.11
N GLU A 168 11.35 2.48 19.78
CA GLU A 168 10.11 2.19 19.07
C GLU A 168 9.61 3.32 18.21
N ASN A 169 10.02 4.58 18.43
CA ASN A 169 9.53 5.67 17.61
C ASN A 169 10.46 6.01 16.47
N PHE A 170 11.41 5.13 16.12
CA PHE A 170 12.38 5.42 15.06
C PHE A 170 11.79 5.77 13.72
N PHE A 171 10.78 5.02 13.31
CA PHE A 171 10.03 5.35 12.08
C PHE A 171 8.79 6.19 12.40
N ALA A 172 8.07 5.89 13.49
CA ALA A 172 6.81 6.55 13.73
C ALA A 172 6.91 8.02 13.96
N ARG A 173 8.06 8.49 14.45
CA ARG A 173 8.23 9.93 14.66
C ARG A 173 8.19 10.72 13.35
N HIS A 174 8.37 10.06 12.22
CA HIS A 174 8.30 10.65 10.85
C HIS A 174 6.95 10.37 10.17
N PHE A 175 6.05 9.77 10.88
CA PHE A 175 4.73 9.35 10.35
C PHE A 175 3.67 10.08 11.16
N LYS A 176 3.24 11.23 10.70
CA LYS A 176 2.45 12.18 11.46
C LYS A 176 1.20 12.60 10.73
N PRO A 177 0.11 12.75 11.44
CA PRO A 177 -1.14 13.10 10.78
C PRO A 177 -1.10 14.37 9.99
N ASP A 178 -0.35 15.37 10.39
CA ASP A 178 -0.39 16.64 9.67
C ASP A 178 0.31 16.57 8.38
N ASP A 179 1.24 15.61 8.16
CA ASP A 179 2.05 15.68 6.96
C ASP A 179 2.25 14.36 6.19
N THR A 180 1.73 13.22 6.66
CA THR A 180 2.07 11.97 5.95
C THR A 180 1.56 12.03 4.51
N LEU A 181 2.39 11.46 3.65
CA LEU A 181 2.10 11.23 2.27
C LEU A 181 1.38 9.94 1.93
N ALA A 182 0.98 9.23 2.94
CA ALA A 182 0.32 7.95 2.80
C ALA A 182 -0.94 8.04 2.01
N SER A 183 -1.21 6.98 1.25
CA SER A 183 -2.42 6.90 0.43
C SER A 183 -3.23 5.62 0.71
N VAL A 184 -4.52 5.73 0.48
CA VAL A 184 -5.40 4.58 0.42
C VAL A 184 -5.81 4.48 -1.06
N VAL A 185 -5.78 3.26 -1.58
CA VAL A 185 -6.30 2.94 -2.88
C VAL A 185 -7.41 1.89 -2.78
N LEU A 186 -8.63 2.21 -3.27
CA LEU A 186 -9.74 1.27 -3.32
C LEU A 186 -9.82 0.65 -4.69
N ILE A 187 -9.19 -0.51 -4.87
CA ILE A 187 -9.10 -1.13 -6.19
C ILE A 187 -10.20 -2.15 -6.39
N ARG A 188 -10.87 -2.07 -7.56
CA ARG A 188 -11.84 -3.03 -7.99
C ARG A 188 -11.23 -3.84 -9.11
N TYR A 189 -11.16 -5.15 -8.89
CA TYR A 189 -10.81 -6.13 -9.96
C TYR A 189 -12.11 -6.79 -10.32
N PRO A 190 -12.59 -6.65 -11.56
CA PRO A 190 -13.91 -7.17 -11.92
C PRO A 190 -13.94 -8.62 -12.36
N TYR A 191 -15.10 -9.22 -12.23
CA TYR A 191 -15.45 -10.41 -12.98
C TYR A 191 -15.94 -9.93 -14.37
N LEU A 192 -15.42 -10.51 -15.45
CA LEU A 192 -15.81 -10.20 -16.83
C LEU A 192 -15.92 -11.44 -17.67
N ASP A 193 -17.01 -11.56 -18.41
CA ASP A 193 -17.27 -12.71 -19.29
C ASP A 193 -17.73 -12.20 -20.63
N PRO A 194 -16.92 -12.21 -21.67
CA PRO A 194 -15.55 -12.72 -21.69
C PRO A 194 -14.55 -11.74 -21.08
N TYR A 195 -13.42 -12.25 -20.63
CA TYR A 195 -12.41 -11.39 -20.06
C TYR A 195 -11.48 -11.02 -21.20
N PRO A 196 -11.28 -9.72 -21.44
CA PRO A 196 -10.40 -9.30 -22.51
C PRO A 196 -8.93 -9.71 -22.35
N GLU A 197 -8.43 -10.40 -23.37
CA GLU A 197 -7.06 -10.83 -23.38
C GLU A 197 -6.14 -9.67 -23.28
N ALA A 198 -6.55 -8.51 -23.78
CA ALA A 198 -5.64 -7.38 -23.74
C ALA A 198 -5.44 -6.90 -22.33
N ALA A 199 -6.32 -7.29 -21.43
CA ALA A 199 -6.11 -6.90 -20.02
C ALA A 199 -5.34 -7.93 -19.18
N ILE A 200 -4.81 -8.95 -19.84
CA ILE A 200 -4.07 -10.01 -19.22
C ILE A 200 -2.65 -9.96 -19.71
N LYS A 201 -1.71 -9.89 -18.80
CA LYS A 201 -0.33 -9.95 -19.13
C LYS A 201 0.18 -11.37 -18.90
N THR A 202 1.29 -11.74 -19.50
CA THR A 202 1.85 -13.03 -19.34
C THR A 202 3.32 -12.93 -18.88
N ALA A 203 3.61 -13.60 -17.77
CA ALA A 203 4.93 -13.58 -17.18
C ALA A 203 5.89 -14.47 -17.99
N ALA A 204 7.19 -14.33 -17.78
CA ALA A 204 8.15 -15.17 -18.50
C ALA A 204 7.90 -16.67 -18.27
N ASP A 205 7.39 -17.01 -17.07
CA ASP A 205 7.12 -18.37 -16.74
C ASP A 205 5.75 -18.82 -17.17
N GLY A 206 5.05 -17.98 -17.91
CA GLY A 206 3.78 -18.35 -18.47
C GLY A 206 2.58 -18.01 -17.61
N THR A 207 2.80 -17.52 -16.39
CA THR A 207 1.68 -17.20 -15.51
C THR A 207 0.91 -16.01 -16.04
N LYS A 208 -0.40 -16.09 -16.08
CA LYS A 208 -1.27 -14.98 -16.49
C LYS A 208 -1.36 -13.99 -15.33
N LEU A 209 -1.14 -12.70 -15.59
CA LEU A 209 -1.08 -11.68 -14.55
C LEU A 209 -2.02 -10.53 -14.84
N SER A 210 -2.42 -9.85 -13.79
CA SER A 210 -3.06 -8.59 -13.88
C SER A 210 -2.05 -7.49 -13.65
N PHE A 211 -0.95 -7.72 -12.90
CA PHE A 211 0.02 -6.65 -12.63
C PHE A 211 1.33 -7.35 -12.48
N GLU A 212 2.35 -6.83 -13.20
CA GLU A 212 3.68 -7.47 -13.30
C GLU A 212 4.51 -7.27 -12.03
N TRP A 213 5.66 -7.96 -12.03
CA TRP A 213 6.55 -7.92 -10.91
C TRP A 213 6.96 -6.51 -10.58
N HIS A 214 7.12 -6.27 -9.28
CA HIS A 214 7.60 -4.99 -8.83
C HIS A 214 7.95 -5.05 -7.37
N GLU A 215 8.66 -4.02 -6.93
CA GLU A 215 8.84 -3.69 -5.51
C GLU A 215 7.87 -2.57 -5.19
N ASP A 216 7.32 -2.53 -3.99
CA ASP A 216 6.41 -1.44 -3.62
C ASP A 216 7.14 -0.14 -3.36
N VAL A 217 6.48 0.95 -3.74
CA VAL A 217 6.98 2.30 -3.46
C VAL A 217 6.29 2.67 -2.12
N SER A 218 6.97 2.45 -1.02
CA SER A 218 6.48 2.67 0.29
C SER A 218 7.59 2.41 1.28
N LEU A 219 7.33 2.81 2.53
CA LEU A 219 8.11 2.34 3.67
C LEU A 219 7.65 0.88 3.98
N ILE A 220 6.38 0.75 4.26
CA ILE A 220 5.70 -0.55 4.35
C ILE A 220 4.33 -0.37 3.72
N THR A 221 3.75 -1.49 3.31
CA THR A 221 2.41 -1.56 2.69
C THR A 221 1.54 -2.39 3.58
N VAL A 222 0.33 -1.89 3.80
CA VAL A 222 -0.61 -2.45 4.75
C VAL A 222 -1.92 -2.73 3.97
N LEU A 223 -2.12 -3.96 3.59
CA LEU A 223 -3.07 -4.36 2.57
C LEU A 223 -4.20 -5.25 3.01
N TYR A 224 -5.40 -4.85 2.69
CA TYR A 224 -6.59 -5.71 2.86
C TYR A 224 -7.00 -6.18 1.49
N GLN A 225 -7.26 -7.44 1.35
CA GLN A 225 -7.79 -8.04 0.09
C GLN A 225 -8.94 -8.97 0.41
N SER A 226 -9.87 -9.12 -0.52
CA SER A 226 -10.89 -10.18 -0.49
C SER A 226 -10.26 -11.53 -0.44
N ASN A 227 -11.08 -12.53 -0.12
CA ASN A 227 -10.61 -13.90 0.01
C ASN A 227 -10.54 -14.65 -1.35
N VAL A 228 -9.76 -14.12 -2.24
CA VAL A 228 -9.45 -14.74 -3.53
C VAL A 228 -7.93 -14.69 -3.67
N GLN A 229 -7.31 -15.86 -3.74
CA GLN A 229 -5.85 -15.94 -3.83
C GLN A 229 -5.38 -15.27 -5.13
N ASN A 230 -4.34 -14.43 -5.05
CA ASN A 230 -3.84 -13.77 -6.26
C ASN A 230 -2.39 -13.35 -6.21
N LEU A 231 -1.83 -13.05 -5.05
CA LEU A 231 -0.46 -12.52 -4.96
C LEU A 231 0.56 -13.61 -4.95
N GLN A 232 1.70 -13.31 -5.59
CA GLN A 232 2.86 -14.20 -5.60
C GLN A 232 4.11 -13.42 -5.25
N VAL A 233 5.00 -14.07 -4.50
CA VAL A 233 6.27 -13.49 -4.04
C VAL A 233 7.43 -14.28 -4.63
N GLU A 234 8.43 -13.58 -5.17
CA GLU A 234 9.62 -14.27 -5.64
C GLU A 234 10.50 -14.58 -4.45
N THR A 235 10.90 -15.84 -4.36
CA THR A 235 11.85 -16.24 -3.36
C THR A 235 12.98 -16.95 -4.09
N ALA A 236 13.93 -17.49 -3.33
CA ALA A 236 15.06 -18.21 -3.90
C ALA A 236 14.60 -19.45 -4.62
N ALA A 237 13.46 -20.01 -4.18
CA ALA A 237 12.87 -21.21 -4.76
C ALA A 237 11.82 -20.90 -5.80
N GLY A 238 11.80 -19.67 -6.26
CA GLY A 238 10.91 -19.22 -7.31
C GLY A 238 9.70 -18.48 -6.77
N TYR A 239 8.75 -18.17 -7.66
CA TYR A 239 7.53 -17.47 -7.23
C TYR A 239 6.66 -18.45 -6.49
N GLN A 240 6.16 -17.98 -5.33
CA GLN A 240 5.31 -18.75 -4.45
C GLN A 240 4.01 -18.01 -4.19
N ASP A 241 2.94 -18.78 -4.03
CA ASP A 241 1.61 -18.19 -3.78
C ASP A 241 1.45 -17.69 -2.35
N ILE A 242 0.93 -16.46 -2.20
CA ILE A 242 0.63 -15.91 -0.88
C ILE A 242 -0.85 -16.23 -0.67
N GLU A 243 -1.17 -17.01 0.34
CA GLU A 243 -2.54 -17.35 0.60
C GLU A 243 -3.33 -16.11 0.96
N ALA A 244 -4.59 -16.09 0.61
CA ALA A 244 -5.48 -14.98 1.00
C ALA A 244 -5.90 -15.15 2.47
N ASP A 245 -6.17 -14.04 3.13
CA ASP A 245 -6.75 -14.03 4.46
C ASP A 245 -7.54 -12.66 4.57
N ASP A 246 -8.83 -12.71 4.34
CA ASP A 246 -9.65 -11.48 4.37
C ASP A 246 -10.01 -11.07 5.82
N THR A 247 -9.37 -11.67 6.83
CA THR A 247 -9.51 -11.19 8.21
C THR A 247 -8.29 -10.41 8.63
N GLY A 248 -7.15 -10.52 7.97
CA GLY A 248 -5.89 -9.91 8.36
C GLY A 248 -5.50 -8.86 7.34
N TYR A 249 -4.44 -8.17 7.75
CA TYR A 249 -3.77 -7.27 6.84
C TYR A 249 -2.45 -7.88 6.37
N LEU A 250 -2.21 -7.91 5.08
CA LEU A 250 -0.95 -8.38 4.54
C LEU A 250 0.07 -7.25 4.58
N ILE A 251 1.22 -7.48 5.19
CA ILE A 251 2.24 -6.47 5.41
C ILE A 251 3.48 -6.85 4.66
N ASN A 252 4.14 -5.87 4.01
CA ASN A 252 5.46 -6.08 3.44
C ASN A 252 6.24 -4.75 3.46
N CYS A 253 7.53 -4.81 3.34
CA CYS A 253 8.39 -3.65 3.16
C CYS A 253 8.41 -3.19 1.73
N GLY A 254 8.47 -1.89 1.61
CA GLY A 254 8.74 -1.28 0.33
C GLY A 254 10.19 -0.82 0.18
N SER A 255 10.56 -0.26 -0.97
CA SER A 255 11.92 -0.04 -1.26
C SER A 255 12.51 1.07 -0.41
N TYR A 256 11.74 1.92 0.27
CA TYR A 256 12.39 2.87 1.22
C TYR A 256 12.98 2.11 2.41
N MET A 257 12.27 1.09 2.87
CA MET A 257 12.83 0.26 3.93
C MET A 257 14.07 -0.47 3.52
N ALA A 258 14.09 -0.95 2.30
CA ALA A 258 15.29 -1.64 1.83
C ALA A 258 16.44 -0.66 1.79
N HIS A 259 16.22 0.58 1.33
CA HIS A 259 17.28 1.59 1.32
C HIS A 259 17.79 1.87 2.72
N LEU A 260 16.92 2.11 3.66
CA LEU A 260 17.36 2.51 5.01
C LEU A 260 18.12 1.40 5.73
N THR A 261 17.79 0.14 5.41
CA THR A 261 18.37 -0.99 6.09
C THR A 261 19.48 -1.66 5.33
N ASN A 262 19.90 -1.03 4.25
CA ASN A 262 20.94 -1.58 3.41
C ASN A 262 20.57 -2.99 2.91
N ASN A 263 19.33 -3.16 2.52
CA ASN A 263 18.80 -4.41 2.01
C ASN A 263 18.71 -5.51 3.07
N TYR A 264 18.92 -5.23 4.38
CA TYR A 264 18.68 -6.22 5.40
C TYR A 264 17.23 -6.68 5.39
N TYR A 265 16.31 -5.70 5.34
CA TYR A 265 14.87 -5.95 5.04
C TYR A 265 14.66 -5.56 3.62
N LYS A 266 14.65 -6.56 2.75
CA LYS A 266 14.46 -6.35 1.34
C LYS A 266 13.01 -5.93 1.06
N ALA A 267 12.80 -5.19 -0.02
CA ALA A 267 11.46 -5.00 -0.54
C ALA A 267 11.16 -6.23 -1.39
N PRO A 268 10.28 -7.11 -1.00
CA PRO A 268 10.09 -8.32 -1.79
C PRO A 268 9.49 -8.02 -3.11
N ILE A 269 9.94 -8.73 -4.10
CA ILE A 269 9.39 -8.68 -5.44
C ILE A 269 8.15 -9.52 -5.54
N HIS A 270 7.05 -8.94 -6.02
CA HIS A 270 5.83 -9.66 -6.04
C HIS A 270 5.02 -9.21 -7.21
N ARG A 271 3.98 -9.99 -7.56
CA ARG A 271 3.14 -9.76 -8.74
C ARG A 271 1.73 -10.22 -8.44
N VAL A 272 0.80 -9.82 -9.29
CA VAL A 272 -0.63 -10.09 -9.11
C VAL A 272 -1.13 -11.04 -10.24
N LYS A 273 -1.45 -12.26 -9.89
CA LYS A 273 -2.04 -13.20 -10.86
C LYS A 273 -3.35 -12.67 -11.38
N TRP A 274 -3.62 -12.99 -12.64
CA TRP A 274 -4.94 -12.79 -13.23
C TRP A 274 -5.88 -13.85 -12.65
N VAL A 275 -7.02 -13.39 -12.17
CA VAL A 275 -8.08 -14.27 -11.66
C VAL A 275 -9.36 -13.66 -12.16
N ASN A 276 -10.26 -14.44 -12.75
CA ASN A 276 -11.54 -13.90 -13.19
C ASN A 276 -12.55 -13.97 -12.05
N ALA A 277 -12.53 -12.98 -11.14
CA ALA A 277 -13.36 -12.92 -9.99
C ALA A 277 -13.50 -11.47 -9.62
N GLU A 278 -14.68 -11.15 -9.14
CA GLU A 278 -14.99 -9.82 -8.60
C GLU A 278 -14.40 -9.67 -7.23
N ARG A 279 -13.41 -8.82 -7.04
CA ARG A 279 -12.76 -8.75 -5.78
C ARG A 279 -12.21 -7.38 -5.54
N GLN A 280 -11.70 -7.19 -4.35
CA GLN A 280 -11.15 -5.93 -3.84
C GLN A 280 -9.71 -6.06 -3.41
N SER A 281 -8.96 -5.02 -3.65
CA SER A 281 -7.60 -4.88 -3.19
C SER A 281 -7.46 -3.48 -2.65
N LEU A 282 -7.24 -3.33 -1.34
CA LEU A 282 -7.34 -2.05 -0.64
C LEU A 282 -6.03 -1.75 0.07
N PRO A 283 -4.97 -1.37 -0.60
CA PRO A 283 -3.72 -0.99 0.06
C PRO A 283 -3.77 0.35 0.73
N PHE A 284 -2.98 0.42 1.80
CA PHE A 284 -2.53 1.65 2.45
C PHE A 284 -1.04 1.67 2.32
N PHE A 285 -0.54 2.66 1.58
CA PHE A 285 0.86 2.82 1.39
C PHE A 285 1.41 3.71 2.46
N VAL A 286 2.27 3.16 3.34
CA VAL A 286 2.81 3.94 4.49
C VAL A 286 3.98 4.74 3.94
N ASN A 287 3.71 6.01 3.72
CA ASN A 287 4.66 7.01 3.27
C ASN A 287 4.90 7.98 4.44
N LEU A 288 6.10 8.52 4.55
CA LEU A 288 6.48 9.50 5.53
C LEU A 288 6.14 10.89 5.02
N GLY A 289 6.72 11.90 5.67
CA GLY A 289 6.54 13.28 5.24
C GLY A 289 7.46 13.65 4.10
N TYR A 290 7.19 14.75 3.41
CA TYR A 290 7.98 15.10 2.23
C TYR A 290 9.46 15.29 2.55
N ASP A 291 9.75 15.90 3.69
CA ASP A 291 11.10 16.21 4.11
C ASP A 291 11.72 15.17 5.04
N SER A 292 11.01 14.10 5.34
CA SER A 292 11.50 13.09 6.25
C SER A 292 12.75 12.43 5.67
N VAL A 293 13.81 12.34 6.42
CA VAL A 293 15.02 11.65 6.07
C VAL A 293 15.41 10.74 7.24
N ILE A 294 15.59 9.47 6.95
CA ILE A 294 16.11 8.56 7.96
C ILE A 294 17.53 8.21 7.52
N ASP A 295 18.50 8.33 8.37
CA ASP A 295 19.85 8.01 8.01
C ASP A 295 20.00 6.52 7.82
N PRO A 296 20.50 6.11 6.67
CA PRO A 296 20.60 4.68 6.41
C PRO A 296 21.58 3.99 7.37
N PHE A 297 21.34 2.73 7.69
CA PHE A 297 22.15 1.96 8.61
C PHE A 297 22.16 0.52 8.12
N ASP A 298 22.91 -0.34 8.77
CA ASP A 298 23.08 -1.76 8.46
C ASP A 298 23.21 -2.60 9.72
N PRO A 299 22.12 -3.27 10.12
CA PRO A 299 22.06 -4.16 11.32
C PRO A 299 22.84 -5.48 11.24
N ARG A 300 23.54 -5.69 10.11
CA ARG A 300 24.41 -6.81 9.97
C ARG A 300 25.83 -6.40 10.25
N GLU A 301 26.12 -5.11 10.31
CA GLU A 301 27.48 -4.67 10.54
C GLU A 301 27.71 -4.23 11.98
N PRO A 302 28.83 -4.61 12.59
CA PRO A 302 29.11 -4.23 13.98
C PRO A 302 28.89 -2.74 14.31
N ASN A 303 29.30 -1.80 13.46
CA ASN A 303 29.13 -0.36 13.78
C ASN A 303 27.83 0.24 13.20
N GLY A 304 27.03 -0.61 12.57
CA GLY A 304 25.77 -0.18 12.00
C GLY A 304 25.90 0.75 10.79
N LYS A 305 27.10 1.00 10.28
CA LYS A 305 27.25 1.98 9.17
C LYS A 305 26.90 1.42 7.80
N SER A 306 26.36 2.29 6.94
CA SER A 306 25.98 1.86 5.60
C SER A 306 26.65 2.70 4.57
N ASP A 307 26.91 2.17 3.38
CA ASP A 307 27.49 2.97 2.28
C ASP A 307 26.43 3.59 1.37
N ARG A 308 25.22 3.75 1.88
CA ARG A 308 24.15 4.40 1.17
C ARG A 308 24.01 5.84 1.62
N GLU A 309 23.54 6.69 0.72
CA GLU A 309 23.31 8.07 1.06
C GLU A 309 21.88 8.39 1.51
N PRO A 310 21.73 9.31 2.42
CA PRO A 310 20.39 9.70 2.85
C PRO A 310 19.53 10.17 1.68
N LEU A 311 18.27 9.80 1.72
CA LEU A 311 17.31 10.12 0.69
C LEU A 311 16.08 10.65 1.35
N SER A 312 15.62 11.82 0.97
CA SER A 312 14.39 12.35 1.54
C SER A 312 13.20 11.62 0.99
N TYR A 313 12.16 11.45 1.82
CA TYR A 313 11.00 10.64 1.42
C TYR A 313 10.32 11.22 0.22
N GLY A 314 10.18 12.52 0.16
CA GLY A 314 9.57 13.16 -0.97
C GLY A 314 10.27 12.90 -2.29
N ASP A 315 11.61 12.93 -2.26
CA ASP A 315 12.42 12.60 -3.44
C ASP A 315 12.15 11.16 -3.87
N TYR A 316 12.24 10.28 -2.91
CA TYR A 316 11.99 8.87 -3.13
C TYR A 316 10.60 8.64 -3.76
N LEU A 317 9.56 9.26 -3.18
CA LEU A 317 8.21 8.98 -3.56
C LEU A 317 7.89 9.51 -4.96
N GLN A 318 8.20 10.77 -5.25
CA GLN A 318 7.86 11.26 -6.59
C GLN A 318 8.62 10.44 -7.67
N ASN A 319 9.88 10.12 -7.41
CA ASN A 319 10.67 9.31 -8.37
C ASN A 319 10.05 7.94 -8.52
N GLY A 320 9.69 7.33 -7.40
CA GLY A 320 9.20 5.96 -7.44
C GLY A 320 7.86 5.76 -8.14
N LEU A 321 6.95 6.66 -7.92
CA LEU A 321 5.60 6.50 -8.49
C LEU A 321 5.63 6.62 -9.98
N VAL A 322 6.36 7.61 -10.49
CA VAL A 322 6.56 7.77 -11.92
C VAL A 322 7.27 6.53 -12.51
N SER A 323 8.32 6.04 -11.87
CA SER A 323 9.01 4.89 -12.40
C SER A 323 8.12 3.66 -12.43
N LEU A 324 7.28 3.45 -11.41
CA LEU A 324 6.39 2.29 -11.39
C LEU A 324 5.38 2.35 -12.56
N ILE A 325 4.88 3.55 -12.87
CA ILE A 325 3.96 3.74 -14.01
C ILE A 325 4.68 3.45 -15.30
N ASN A 326 5.90 3.93 -15.43
CA ASN A 326 6.63 3.65 -16.65
C ASN A 326 6.86 2.15 -16.81
N LYS A 327 7.20 1.47 -15.71
CA LYS A 327 7.58 0.06 -15.79
C LYS A 327 6.40 -0.87 -16.05
N ASN A 328 5.33 -0.66 -15.28
CA ASN A 328 4.18 -1.58 -15.26
C ASN A 328 2.85 -1.00 -15.78
N GLY A 329 2.86 0.24 -16.24
CA GLY A 329 1.69 0.84 -16.87
C GLY A 329 0.87 1.70 -15.95
N GLN A 330 0.16 2.67 -16.52
CA GLN A 330 -0.77 3.49 -15.76
C GLN A 330 -1.95 2.61 -15.30
N THR A 331 -2.23 2.58 -14.00
CA THR A 331 -3.26 1.67 -13.43
C THR A 331 -4.45 2.29 -12.80
#